data_4PHU
#
_entry.id   4PHU
#
_cell.length_a   101.000
_cell.length_b   61.740
_cell.length_c   105.700
_cell.angle_alpha   90.000
_cell.angle_beta   108.900
_cell.angle_gamma   90.000
#
_symmetry.space_group_name_H-M   'C 1 2 1'
#
loop_
_entity.id
_entity.type
_entity.pdbx_description
1 polymer 'Free fatty acid receptor 1,Lysozyme'
2 non-polymer "[(3S)-6-({2',6'-dimethyl-4'-[3-(methylsulfonyl)propoxy]biphenyl-3-yl}methoxy)-2,3-dihydro-1-benzofuran-3-yl]acetic acid"
3 non-polymer '(2R)-2,3-dihydroxypropyl (9Z)-octadec-9-enoate'
4 non-polymer 'PENTAETHYLENE GLYCOL'
5 non-polymer 'DIMETHYL SULFOXIDE'
6 water water
#
_entity_poly.entity_id   1
_entity_poly.type   'polypeptide(L)'
_entity_poly.pdbx_seq_one_letter_code
;MDYKDDDDKGSATMDLPPQLSFGLYVAAFALGFPLNVLAIRGATAHARLRLTPSAVYALNLGCSDLLLTVSLPLKAVEAL
ASGAWPLPASLCPVFAVAHFAPLYAGGGFLAALSAARYLGAAFPLGYQAFRRPCYSWGVCAAIWALVLCHLGLVFGLEAP
GGWLDHSNTSLGINTPVNGSPVCLEAWDPASAGPARFSLSLLLFFLPLAITAFCFVGCLRALARGSNIFEMLRIDEGLRL
KIYKDTEGYYTIGIGHLLTKSPSLNAAKSELDKAIGRNTNGVITKDEAEKLFNQDVDAAVRGILRNAKLKPVYDSLDAVR
RAALINMVFQMGETGVAGFTNSLRMLQQKRWDEAAVNLAKSRWYNQTPNRAKRVITTFRTGTWDAYGSLTHRRKLRAAWV
AGGALLTLLLCVGPYNASNVASFLYPNLGGSWRKLGLITGAWSVVLNPLVTGYLGRGPGLKTVCAARTQGGKSQKAENLY
FQGHHHHHHHH
;
_entity_poly.pdbx_strand_id   A
#
# COMPACT_ATOMS: atom_id res chain seq x y z
N MET A 14 -34.21 12.96 11.45
CA MET A 14 -32.87 12.56 10.91
C MET A 14 -31.82 13.69 10.93
N ASP A 15 -32.11 14.78 11.66
CA ASP A 15 -31.18 15.91 11.83
C ASP A 15 -30.31 15.69 13.06
N LEU A 16 -29.01 15.86 12.91
CA LEU A 16 -28.10 15.82 14.05
C LEU A 16 -28.32 17.04 14.93
N PRO A 17 -28.30 16.84 16.25
CA PRO A 17 -28.26 18.02 17.10
C PRO A 17 -27.05 18.89 16.71
N PRO A 18 -27.22 20.23 16.68
CA PRO A 18 -26.10 21.11 16.36
C PRO A 18 -24.85 20.91 17.23
N GLN A 19 -25.03 20.51 18.49
CA GLN A 19 -23.90 20.23 19.40
C GLN A 19 -23.10 19.00 18.98
N LEU A 20 -23.79 17.98 18.47
CA LEU A 20 -23.15 16.77 18.03
C LEU A 20 -22.29 17.08 16.80
N SER A 21 -22.86 17.81 15.86
CA SER A 21 -22.12 18.22 14.67
C SER A 21 -20.89 19.02 15.04
N PHE A 22 -21.09 19.98 15.94
CA PHE A 22 -20.01 20.82 16.40
C PHE A 22 -18.88 19.97 16.96
N GLY A 23 -19.25 19.08 17.87
CA GLY A 23 -18.30 18.21 18.54
C GLY A 23 -17.55 17.32 17.59
N LEU A 24 -18.26 16.77 16.62
CA LEU A 24 -17.64 15.94 15.60
C LEU A 24 -16.63 16.71 14.76
N TYR A 25 -16.94 17.95 14.39
CA TYR A 25 -15.99 18.77 13.63
C TYR A 25 -14.80 19.18 14.49
N VAL A 26 -15.04 19.45 15.77
CA VAL A 26 -13.98 19.88 16.66
C VAL A 26 -13.00 18.72 16.92
N ALA A 27 -13.53 17.52 17.13
CA ALA A 27 -12.70 16.34 17.30
C ALA A 27 -11.80 16.10 16.09
N ALA A 28 -12.35 16.24 14.89
CA ALA A 28 -11.56 16.07 13.67
C ALA A 28 -10.46 17.14 13.55
N PHE A 29 -10.80 18.35 13.96
CA PHE A 29 -9.87 19.47 13.98
C PHE A 29 -8.74 19.26 14.96
N ALA A 30 -9.09 18.90 16.19
CA ALA A 30 -8.15 18.75 17.28
C ALA A 30 -7.13 17.63 17.01
N LEU A 31 -7.60 16.55 16.41
CA LEU A 31 -6.76 15.42 16.09
C LEU A 31 -6.02 15.64 14.78
N GLY A 32 -6.73 16.19 13.79
CA GLY A 32 -6.18 16.41 12.47
C GLY A 32 -5.02 17.38 12.38
N PHE A 33 -4.97 18.35 13.29
CA PHE A 33 -3.92 19.34 13.24
C PHE A 33 -2.56 18.74 13.59
N PRO A 34 -2.42 18.11 14.77
CA PRO A 34 -1.15 17.45 15.05
C PRO A 34 -0.82 16.32 14.07
N LEU A 35 -1.79 15.50 13.72
CA LEU A 35 -1.55 14.36 12.81
C LEU A 35 -0.95 14.80 11.47
N ASN A 36 -1.48 15.89 10.93
CA ASN A 36 -1.01 16.38 9.64
C ASN A 36 0.25 17.21 9.71
N VAL A 37 0.49 17.85 10.85
CA VAL A 37 1.80 18.48 11.07
C VAL A 37 2.91 17.40 11.09
N LEU A 38 2.64 16.27 11.76
CA LEU A 38 3.59 15.15 11.82
C LEU A 38 3.76 14.47 10.47
N ALA A 39 2.68 14.30 9.75
CA ALA A 39 2.73 13.72 8.42
C ALA A 39 3.55 14.59 7.46
N ILE A 40 3.33 15.89 7.47
CA ILE A 40 4.06 16.81 6.61
C ILE A 40 5.53 16.73 6.92
N ARG A 41 5.85 16.70 8.21
CA ARG A 41 7.22 16.64 8.66
C ARG A 41 7.93 15.36 8.22
N GLY A 42 7.25 14.23 8.37
CA GLY A 42 7.81 12.94 7.96
C GLY A 42 8.09 12.95 6.47
N ALA A 43 7.05 13.26 5.69
CA ALA A 43 7.19 13.39 4.25
C ALA A 43 8.31 14.36 3.82
N THR A 44 8.45 15.47 4.53
CA THR A 44 9.44 16.49 4.20
C THR A 44 10.86 16.01 4.51
N ALA A 45 11.02 15.25 5.59
CA ALA A 45 12.30 14.66 5.93
C ALA A 45 12.72 13.59 4.92
N HIS A 46 11.75 12.86 4.36
CA HIS A 46 12.03 11.74 3.46
C HIS A 46 12.44 12.23 2.08
N ALA A 47 11.68 13.18 1.52
CA ALA A 47 12.01 13.81 0.25
C ALA A 47 13.39 14.46 0.33
N ARG A 48 13.58 15.29 1.36
CA ARG A 48 14.82 16.04 1.54
C ARG A 48 16.04 15.13 1.67
N LEU A 49 15.87 13.95 2.26
CA LEU A 49 16.97 12.99 2.40
C LEU A 49 17.13 12.15 1.14
N ARG A 50 16.03 11.60 0.61
CA ARG A 50 16.07 10.78 -0.60
C ARG A 50 15.49 11.51 -1.81
N LEU A 51 14.20 11.83 -1.77
CA LEU A 51 13.49 12.48 -2.88
C LEU A 51 12.83 11.44 -3.77
N THR A 52 11.56 11.14 -3.47
CA THR A 52 10.86 10.09 -4.17
C THR A 52 9.44 10.54 -4.44
N PRO A 53 8.78 9.94 -5.45
CA PRO A 53 7.41 10.30 -5.75
C PRO A 53 6.46 10.21 -4.56
N SER A 54 6.48 9.08 -3.86
CA SER A 54 5.56 8.86 -2.75
C SER A 54 5.61 9.97 -1.72
N ALA A 55 6.82 10.45 -1.44
CA ALA A 55 7.01 11.52 -0.48
C ALA A 55 6.35 12.81 -0.95
N VAL A 56 6.46 13.10 -2.25
CA VAL A 56 5.85 14.29 -2.82
C VAL A 56 4.33 14.27 -2.71
N TYR A 57 3.73 13.14 -3.04
CA TYR A 57 2.27 12.97 -2.96
C TYR A 57 1.81 13.03 -1.53
N ALA A 58 2.58 12.45 -0.61
CA ALA A 58 2.23 12.49 0.81
C ALA A 58 2.33 13.90 1.37
N LEU A 59 3.36 14.64 0.93
CA LEU A 59 3.51 16.03 1.34
C LEU A 59 2.32 16.87 0.90
N ASN A 60 1.91 16.71 -0.35
CA ASN A 60 0.76 17.42 -0.86
C ASN A 60 -0.51 17.01 -0.13
N LEU A 61 -0.63 15.73 0.15
CA LEU A 61 -1.80 15.27 0.88
C LEU A 61 -1.76 15.82 2.30
N GLY A 62 -0.59 15.87 2.92
CA GLY A 62 -0.48 16.46 4.25
C GLY A 62 -0.84 17.94 4.29
N CYS A 63 -0.35 18.70 3.31
CA CYS A 63 -0.66 20.14 3.25
C CYS A 63 -2.13 20.38 3.00
N SER A 64 -2.71 19.60 2.09
CA SER A 64 -4.11 19.78 1.78
C SER A 64 -4.97 19.41 2.97
N ASP A 65 -4.66 18.31 3.65
CA ASP A 65 -5.38 17.94 4.87
C ASP A 65 -5.23 18.97 6.00
N LEU A 66 -4.09 19.64 6.07
CA LEU A 66 -3.89 20.66 7.06
C LEU A 66 -4.72 21.92 6.75
N LEU A 67 -4.93 22.14 5.46
CA LEU A 67 -5.76 23.23 4.99
C LEU A 67 -7.22 22.94 5.30
N LEU A 68 -7.64 21.72 5.02
CA LEU A 68 -8.97 21.27 5.41
C LEU A 68 -9.14 21.43 6.92
N THR A 69 -8.15 20.98 7.67
CA THR A 69 -8.21 21.00 9.13
C THR A 69 -8.48 22.40 9.64
N VAL A 70 -7.75 23.36 9.10
CA VAL A 70 -7.81 24.75 9.56
C VAL A 70 -9.15 25.40 9.22
N SER A 71 -9.83 24.88 8.19
CA SER A 71 -11.15 25.34 7.82
C SER A 71 -12.23 24.79 8.74
N LEU A 72 -11.97 23.68 9.42
CA LEU A 72 -13.02 22.95 10.15
C LEU A 72 -13.71 23.71 11.31
N PRO A 73 -12.97 24.55 12.05
CA PRO A 73 -13.60 25.36 13.09
C PRO A 73 -14.72 26.27 12.57
N LEU A 74 -14.59 26.71 11.32
CA LEU A 74 -15.60 27.55 10.68
C LEU A 74 -16.81 26.72 10.31
N LYS A 75 -16.57 25.52 9.82
CA LYS A 75 -17.66 24.56 9.59
C LYS A 75 -18.32 24.21 10.92
N ALA A 76 -17.52 24.12 11.99
CA ALA A 76 -18.05 23.79 13.32
C ALA A 76 -19.02 24.85 13.81
N VAL A 77 -18.61 26.11 13.75
CA VAL A 77 -19.48 27.19 14.25
C VAL A 77 -20.71 27.35 13.36
N GLU A 78 -20.56 27.09 12.06
CA GLU A 78 -21.71 27.06 11.17
C GLU A 78 -22.72 26.02 11.64
N ALA A 79 -22.25 24.84 12.02
CA ALA A 79 -23.13 23.77 12.52
C ALA A 79 -23.86 24.22 13.76
N LEU A 80 -23.13 24.90 14.64
CA LEU A 80 -23.69 25.36 15.90
C LEU A 80 -24.76 26.41 15.67
N ALA A 81 -24.65 27.11 14.54
CA ALA A 81 -25.61 28.10 14.10
C ALA A 81 -26.68 27.50 13.18
N SER A 82 -26.80 26.18 13.16
CA SER A 82 -27.80 25.45 12.35
C SER A 82 -27.76 25.79 10.86
N GLY A 83 -26.55 25.96 10.33
CA GLY A 83 -26.37 26.20 8.90
C GLY A 83 -26.16 27.67 8.53
N ALA A 84 -26.49 28.57 9.44
CA ALA A 84 -26.27 30.00 9.17
C ALA A 84 -24.77 30.31 9.31
N TRP A 85 -24.34 31.35 8.60
CA TRP A 85 -22.95 31.79 8.61
C TRP A 85 -22.82 32.88 9.66
N PRO A 86 -22.18 32.59 10.80
CA PRO A 86 -22.07 33.57 11.87
C PRO A 86 -20.74 34.32 11.87
N LEU A 87 -20.10 34.46 10.72
CA LEU A 87 -18.78 35.09 10.62
C LEU A 87 -18.89 36.17 9.57
N PRO A 88 -17.85 37.02 9.45
CA PRO A 88 -17.90 38.02 8.39
C PRO A 88 -18.13 37.38 7.03
N ALA A 89 -18.96 38.01 6.21
CA ALA A 89 -19.27 37.49 4.90
C ALA A 89 -18.04 37.35 4.04
N SER A 90 -17.08 38.24 4.22
CA SER A 90 -15.83 38.26 3.44
C SER A 90 -14.94 37.03 3.69
N LEU A 91 -15.19 36.34 4.79
CA LEU A 91 -14.49 35.08 5.10
C LEU A 91 -15.02 33.90 4.29
N CYS A 92 -16.21 34.04 3.73
CA CYS A 92 -16.87 32.91 3.10
C CYS A 92 -16.09 32.33 1.90
N PRO A 93 -15.50 33.20 1.04
CA PRO A 93 -14.69 32.70 -0.08
C PRO A 93 -13.38 32.02 0.31
N VAL A 94 -12.69 32.57 1.30
CA VAL A 94 -11.51 31.92 1.84
C VAL A 94 -11.90 30.55 2.41
N PHE A 95 -13.02 30.50 3.12
CA PHE A 95 -13.48 29.22 3.68
C PHE A 95 -13.82 28.27 2.54
N ALA A 96 -14.48 28.80 1.53
CA ALA A 96 -14.89 27.98 0.40
C ALA A 96 -13.70 27.20 -0.15
N VAL A 97 -12.62 27.90 -0.46
CA VAL A 97 -11.45 27.28 -1.05
C VAL A 97 -10.74 26.38 -0.05
N ALA A 98 -10.48 26.88 1.16
CA ALA A 98 -9.79 26.09 2.18
C ALA A 98 -10.53 24.81 2.53
N HIS A 99 -11.85 24.81 2.45
CA HIS A 99 -12.60 23.63 2.84
C HIS A 99 -12.70 22.64 1.68
N PHE A 100 -13.16 23.12 0.53
CA PHE A 100 -13.53 22.19 -0.53
C PHE A 100 -12.40 21.81 -1.48
N ALA A 101 -11.41 22.68 -1.68
CA ALA A 101 -10.27 22.28 -2.53
C ALA A 101 -9.59 20.99 -1.99
N PRO A 102 -9.23 20.95 -0.69
CA PRO A 102 -8.71 19.71 -0.10
C PRO A 102 -9.65 18.50 -0.16
N LEU A 103 -10.94 18.76 -0.05
CA LEU A 103 -11.93 17.68 -0.04
C LEU A 103 -11.97 16.93 -1.36
N TYR A 104 -11.53 17.60 -2.42
CA TYR A 104 -11.43 16.99 -3.74
C TYR A 104 -9.98 16.57 -4.08
N ALA A 105 -9.02 17.47 -3.83
CA ALA A 105 -7.60 17.18 -4.09
C ALA A 105 -7.07 15.93 -3.32
N GLY A 106 -7.51 15.75 -2.08
CA GLY A 106 -7.07 14.63 -1.26
C GLY A 106 -7.16 13.27 -1.95
N GLY A 107 -8.29 13.01 -2.60
CA GLY A 107 -8.48 11.75 -3.29
C GLY A 107 -7.49 11.55 -4.42
N GLY A 108 -7.15 12.64 -5.11
CA GLY A 108 -6.17 12.59 -6.18
C GLY A 108 -4.80 12.21 -5.65
N PHE A 109 -4.41 12.80 -4.51
CA PHE A 109 -3.10 12.54 -3.95
C PHE A 109 -3.04 11.13 -3.37
N LEU A 110 -4.14 10.66 -2.81
CA LEU A 110 -4.22 9.30 -2.26
C LEU A 110 -4.03 8.28 -3.35
N ALA A 111 -4.66 8.50 -4.50
CA ALA A 111 -4.48 7.61 -5.63
C ALA A 111 -3.05 7.64 -6.16
N ALA A 112 -2.48 8.85 -6.27
CA ALA A 112 -1.12 9.02 -6.73
C ALA A 112 -0.11 8.29 -5.84
N LEU A 113 -0.30 8.45 -4.54
CA LEU A 113 0.57 7.81 -3.55
C LEU A 113 0.51 6.30 -3.69
N SER A 114 -0.72 5.78 -3.76
CA SER A 114 -0.91 4.34 -3.86
CA SER A 114 -0.95 4.34 -3.88
C SER A 114 -0.37 3.80 -5.17
N ALA A 115 -0.41 4.61 -6.23
CA ALA A 115 0.15 4.18 -7.51
C ALA A 115 1.68 4.25 -7.47
N ALA A 116 2.23 5.30 -6.85
CA ALA A 116 3.68 5.41 -6.65
C ALA A 116 4.24 4.26 -5.82
N ARG A 117 3.56 3.91 -4.73
CA ARG A 117 3.96 2.80 -3.88
C ARG A 117 3.86 1.48 -4.61
N TYR A 118 2.75 1.29 -5.31
CA TYR A 118 2.56 0.10 -6.13
C TYR A 118 3.69 -0.07 -7.17
N LEU A 119 3.94 0.96 -7.97
CA LEU A 119 4.94 0.89 -9.05
C LEU A 119 6.38 0.77 -8.54
N GLY A 120 6.68 1.50 -7.47
CA GLY A 120 8.01 1.47 -6.89
C GLY A 120 8.38 0.11 -6.32
N ALA A 121 7.38 -0.63 -5.85
CA ALA A 121 7.59 -1.93 -5.22
C ALA A 121 7.42 -3.09 -6.20
N ALA A 122 6.47 -2.99 -7.12
CA ALA A 122 6.24 -4.04 -8.11
C ALA A 122 7.22 -3.97 -9.29
N PHE A 123 7.90 -2.84 -9.46
CA PHE A 123 8.83 -2.64 -10.57
C PHE A 123 10.07 -1.86 -10.11
N PRO A 124 10.83 -2.42 -9.14
CA PRO A 124 11.98 -1.70 -8.59
C PRO A 124 13.20 -1.72 -9.52
N PRO A 133 10.15 12.12 -9.28
CA PRO A 133 10.81 13.35 -8.87
C PRO A 133 10.31 14.55 -9.66
N CYS A 134 10.54 14.55 -10.97
CA CYS A 134 9.99 15.58 -11.84
C CYS A 134 8.50 15.33 -12.04
N TYR A 135 8.15 14.12 -12.48
CA TYR A 135 6.76 13.68 -12.60
C TYR A 135 5.88 14.11 -11.43
N SER A 136 6.32 13.73 -10.23
CA SER A 136 5.53 13.91 -9.02
CA SER A 136 5.51 13.89 -9.03
C SER A 136 5.01 15.33 -8.85
N TRP A 137 5.90 16.30 -8.97
CA TRP A 137 5.55 17.70 -8.80
C TRP A 137 4.58 18.17 -9.87
N GLY A 138 4.84 17.80 -11.12
CA GLY A 138 3.92 18.08 -12.20
C GLY A 138 2.55 17.51 -11.96
N VAL A 139 2.50 16.27 -11.49
CA VAL A 139 1.23 15.61 -11.23
C VAL A 139 0.46 16.35 -10.15
N CYS A 140 1.18 16.79 -9.13
CA CYS A 140 0.55 17.51 -8.04
C CYS A 140 0.08 18.89 -8.51
N ALA A 141 0.87 19.56 -9.34
CA ALA A 141 0.49 20.86 -9.89
C ALA A 141 -0.80 20.72 -10.67
N ALA A 142 -0.91 19.67 -11.50
CA ALA A 142 -2.11 19.41 -12.26
C ALA A 142 -3.34 19.16 -11.40
N ILE A 143 -3.16 18.39 -10.33
CA ILE A 143 -4.28 18.15 -9.43
C ILE A 143 -4.76 19.46 -8.84
N TRP A 144 -3.82 20.24 -8.31
CA TRP A 144 -4.13 21.55 -7.75
C TRP A 144 -4.75 22.50 -8.78
N ALA A 145 -4.17 22.53 -9.97
CA ALA A 145 -4.65 23.37 -11.05
C ALA A 145 -6.09 23.01 -11.41
N LEU A 146 -6.39 21.72 -11.51
CA LEU A 146 -7.73 21.27 -11.83
C LEU A 146 -8.71 21.67 -10.75
N VAL A 147 -8.38 21.36 -9.51
CA VAL A 147 -9.32 21.64 -8.43
C VAL A 147 -9.57 23.14 -8.29
N LEU A 148 -8.53 23.94 -8.42
CA LEU A 148 -8.64 25.38 -8.20
C LEU A 148 -9.32 26.10 -9.35
N CYS A 149 -9.01 25.70 -10.58
CA CYS A 149 -9.70 26.27 -11.72
C CYS A 149 -11.16 25.86 -11.74
N HIS A 150 -11.42 24.61 -11.40
CA HIS A 150 -12.76 24.11 -11.46
C HIS A 150 -13.64 24.79 -10.43
N LEU A 151 -13.20 24.72 -9.19
CA LEU A 151 -13.97 25.34 -8.12
C LEU A 151 -14.01 26.84 -8.31
N GLY A 152 -12.88 27.42 -8.68
CA GLY A 152 -12.76 28.87 -8.78
C GLY A 152 -13.60 29.45 -9.90
N LEU A 153 -13.64 28.76 -11.02
CA LEU A 153 -14.34 29.27 -12.18
C LEU A 153 -15.84 29.18 -11.95
N VAL A 154 -16.33 28.08 -11.41
CA VAL A 154 -17.75 27.94 -11.10
C VAL A 154 -18.18 28.94 -10.02
N PHE A 155 -17.39 29.01 -8.95
CA PHE A 155 -17.62 29.95 -7.85
C PHE A 155 -17.57 31.40 -8.30
N GLY A 156 -16.49 31.77 -8.97
CA GLY A 156 -16.30 33.13 -9.47
C GLY A 156 -17.40 33.58 -10.41
N LEU A 157 -17.92 32.62 -11.16
CA LEU A 157 -18.88 32.92 -12.20
C LEU A 157 -20.29 32.86 -11.63
N GLU A 158 -20.59 31.79 -10.90
CA GLU A 158 -21.96 31.39 -10.64
C GLU A 158 -22.38 31.34 -9.19
N ALA A 159 -21.52 31.74 -8.26
CA ALA A 159 -21.94 31.81 -6.87
C ALA A 159 -22.74 33.08 -6.65
N PRO A 160 -23.61 33.09 -5.63
CA PRO A 160 -24.21 34.37 -5.28
C PRO A 160 -23.11 35.39 -5.01
N GLY A 161 -23.31 36.62 -5.49
CA GLY A 161 -22.28 37.64 -5.45
C GLY A 161 -21.20 37.50 -6.51
N GLY A 162 -21.35 36.51 -7.40
CA GLY A 162 -20.31 36.20 -8.39
C GLY A 162 -20.37 37.15 -9.58
N TRP A 163 -19.68 36.79 -10.66
CA TRP A 163 -19.59 37.67 -11.82
C TRP A 163 -20.95 37.89 -12.47
N LEU A 164 -21.73 36.82 -12.57
CA LEU A 164 -23.05 36.87 -13.19
C LEU A 164 -24.12 37.56 -12.30
N ASP A 165 -23.86 37.61 -11.00
CA ASP A 165 -24.74 38.30 -10.05
C ASP A 165 -24.47 39.82 -10.09
N HIS A 166 -25.49 40.60 -10.45
CA HIS A 166 -25.39 42.07 -10.45
C HIS A 166 -26.04 42.69 -9.20
N SER A 167 -26.17 41.90 -8.13
CA SER A 167 -26.85 42.33 -6.90
C SER A 167 -25.87 42.84 -5.85
N ASN A 168 -26.41 43.30 -4.72
CA ASN A 168 -25.62 43.73 -3.59
C ASN A 168 -25.39 42.55 -2.62
N THR A 169 -24.78 41.50 -3.15
CA THR A 169 -24.59 40.26 -2.41
C THR A 169 -23.11 40.00 -2.21
N SER A 170 -22.74 39.59 -1.00
CA SER A 170 -21.39 39.15 -0.74
C SER A 170 -21.10 37.83 -1.45
N LEU A 171 -19.88 37.67 -1.93
CA LEU A 171 -19.49 36.51 -2.68
C LEU A 171 -19.67 35.24 -1.85
N GLY A 172 -20.46 34.30 -2.36
CA GLY A 172 -20.70 33.03 -1.67
C GLY A 172 -21.81 32.96 -0.65
N ILE A 173 -22.45 34.09 -0.37
CA ILE A 173 -23.50 34.18 0.63
C ILE A 173 -24.87 34.21 -0.02
N ASN A 174 -25.72 33.23 0.33
CA ASN A 174 -27.17 33.34 0.06
C ASN A 174 -27.83 33.84 1.32
N THR A 175 -28.98 34.48 1.17
CA THR A 175 -29.77 34.87 2.33
C THR A 175 -31.20 34.40 2.08
N PRO A 176 -31.51 33.16 2.47
CA PRO A 176 -32.82 32.59 2.23
C PRO A 176 -33.95 33.33 2.93
N VAL A 177 -33.69 33.83 4.13
CA VAL A 177 -34.62 34.70 4.83
C VAL A 177 -33.84 35.81 5.50
N ASN A 178 -34.53 36.91 5.81
CA ASN A 178 -33.90 38.04 6.50
C ASN A 178 -33.04 37.65 7.71
N GLY A 179 -31.84 38.22 7.81
CA GLY A 179 -30.95 37.98 8.95
C GLY A 179 -30.32 36.59 8.98
N SER A 180 -30.41 35.84 7.89
CA SER A 180 -29.93 34.47 7.92
C SER A 180 -29.05 34.15 6.72
N PRO A 181 -27.85 34.76 6.68
CA PRO A 181 -26.90 34.47 5.59
C PRO A 181 -26.35 33.06 5.68
N VAL A 182 -26.12 32.44 4.52
CA VAL A 182 -25.62 31.10 4.42
C VAL A 182 -24.43 31.08 3.44
N CYS A 183 -23.28 30.62 3.91
CA CYS A 183 -22.11 30.48 3.05
C CYS A 183 -22.20 29.13 2.32
N LEU A 184 -22.27 29.18 0.99
CA LEU A 184 -22.23 28.01 0.10
C LEU A 184 -23.44 27.08 0.07
N GLU A 185 -23.88 26.64 1.25
CA GLU A 185 -24.83 25.54 1.37
C GLU A 185 -26.25 25.86 0.91
N ALA A 186 -26.60 27.12 0.71
CA ALA A 186 -27.91 27.46 0.13
C ALA A 186 -27.77 27.82 -1.36
N TRP A 187 -26.58 27.59 -1.92
CA TRP A 187 -26.34 27.77 -3.35
C TRP A 187 -27.30 26.98 -4.24
N ASP A 188 -27.91 27.65 -5.21
CA ASP A 188 -28.75 26.97 -6.22
C ASP A 188 -28.14 25.64 -6.71
N PRO A 189 -28.82 24.50 -6.45
CA PRO A 189 -28.27 23.22 -6.92
C PRO A 189 -28.03 23.17 -8.43
N ALA A 190 -28.81 23.96 -9.17
CA ALA A 190 -28.67 24.07 -10.62
C ALA A 190 -27.28 24.54 -11.07
N SER A 191 -26.58 25.28 -10.21
CA SER A 191 -25.17 25.63 -10.42
C SER A 191 -24.20 24.71 -9.70
N ALA A 192 -24.48 24.43 -8.43
CA ALA A 192 -23.54 23.72 -7.58
C ALA A 192 -23.50 22.23 -7.90
N GLY A 193 -24.63 21.70 -8.37
CA GLY A 193 -24.81 20.26 -8.52
C GLY A 193 -23.97 19.67 -9.62
N PRO A 194 -24.07 20.22 -10.84
CA PRO A 194 -23.21 19.81 -11.95
C PRO A 194 -21.70 19.97 -11.65
N ALA A 195 -21.33 21.04 -10.94
CA ALA A 195 -19.94 21.24 -10.53
C ALA A 195 -19.49 20.17 -9.54
N ARG A 196 -20.26 19.93 -8.50
CA ARG A 196 -19.94 18.86 -7.55
C ARG A 196 -19.83 17.52 -8.24
N PHE A 197 -20.87 17.20 -9.00
CA PHE A 197 -21.04 15.92 -9.65
C PHE A 197 -19.85 15.61 -10.52
N SER A 198 -19.51 16.56 -11.40
CA SER A 198 -18.47 16.37 -12.39
C SER A 198 -17.14 16.15 -11.71
N LEU A 199 -16.87 16.95 -10.70
CA LEU A 199 -15.58 16.86 -10.03
C LEU A 199 -15.48 15.62 -9.14
N SER A 200 -16.60 15.17 -8.59
CA SER A 200 -16.62 13.93 -7.84
C SER A 200 -16.27 12.76 -8.72
N LEU A 201 -16.79 12.72 -9.95
CA LEU A 201 -16.41 11.65 -10.86
C LEU A 201 -14.90 11.68 -11.14
N LEU A 202 -14.37 12.85 -11.45
CA LEU A 202 -12.99 12.93 -11.88
C LEU A 202 -12.01 12.76 -10.73
N LEU A 203 -12.34 13.31 -9.58
CA LEU A 203 -11.38 13.39 -8.49
C LEU A 203 -11.71 12.51 -7.31
N PHE A 204 -12.82 11.78 -7.36
CA PHE A 204 -13.04 10.76 -6.36
C PHE A 204 -13.20 9.39 -6.98
N PHE A 205 -14.18 9.22 -7.86
CA PHE A 205 -14.51 7.87 -8.35
C PHE A 205 -13.42 7.29 -9.22
N LEU A 206 -12.78 8.11 -10.02
CA LEU A 206 -11.65 7.68 -10.82
C LEU A 206 -10.45 7.31 -9.90
N PRO A 207 -10.09 8.19 -8.96
CA PRO A 207 -9.07 7.79 -8.00
C PRO A 207 -9.40 6.55 -7.21
N LEU A 208 -10.66 6.40 -6.79
CA LEU A 208 -11.10 5.20 -6.09
C LEU A 208 -10.76 3.97 -6.91
N ALA A 209 -11.09 4.01 -8.20
CA ALA A 209 -10.83 2.89 -9.09
C ALA A 209 -9.33 2.64 -9.28
N ILE A 210 -8.55 3.71 -9.35
CA ILE A 210 -7.11 3.61 -9.41
C ILE A 210 -6.57 2.96 -8.14
N THR A 211 -7.04 3.43 -7.00
CA THR A 211 -6.57 2.92 -5.73
C THR A 211 -6.91 1.42 -5.56
N ALA A 212 -8.13 1.03 -5.94
CA ALA A 212 -8.54 -0.37 -5.87
C ALA A 212 -7.68 -1.23 -6.77
N PHE A 213 -7.44 -0.73 -7.98
CA PHE A 213 -6.60 -1.42 -8.94
C PHE A 213 -5.20 -1.66 -8.39
N CYS A 214 -4.58 -0.61 -7.87
CA CYS A 214 -3.26 -0.70 -7.26
C CYS A 214 -3.23 -1.63 -6.07
N PHE A 215 -4.26 -1.59 -5.23
CA PHE A 215 -4.35 -2.48 -4.08
C PHE A 215 -4.31 -3.94 -4.51
N VAL A 216 -5.13 -4.27 -5.50
CA VAL A 216 -5.14 -5.61 -6.08
C VAL A 216 -3.76 -5.93 -6.67
N GLY A 217 -3.18 -4.99 -7.40
CA GLY A 217 -1.83 -5.14 -7.97
C GLY A 217 -0.76 -5.40 -6.92
N CYS A 218 -0.85 -4.71 -5.80
CA CYS A 218 0.07 -4.97 -4.69
C CYS A 218 -0.04 -6.39 -4.16
N LEU A 219 -1.26 -6.90 -4.06
CA LEU A 219 -1.50 -8.25 -3.54
C LEU A 219 -0.94 -9.30 -4.49
N ARG A 220 -1.26 -9.15 -5.77
CA ARG A 220 -0.72 -10.05 -6.79
C ARG A 220 0.81 -10.02 -6.81
N ALA A 221 1.39 -8.83 -6.67
CA ALA A 221 2.84 -8.67 -6.62
C ALA A 221 3.46 -9.50 -5.49
N LEU A 222 2.81 -9.54 -4.34
CA LEU A 222 3.28 -10.34 -3.20
C LEU A 222 3.17 -11.82 -3.51
N ALA A 223 2.00 -12.21 -4.02
CA ALA A 223 1.74 -13.62 -4.39
C ALA A 223 2.81 -14.22 -5.30
N ARG A 224 3.38 -13.39 -6.17
CA ARG A 224 4.39 -13.82 -7.14
C ARG A 224 5.61 -12.88 -7.16
N GLY A 225 5.99 -12.39 -5.98
CA GLY A 225 7.02 -11.37 -5.87
C GLY A 225 8.43 -11.88 -5.67
N SER A 226 8.60 -13.20 -5.68
CA SER A 226 9.90 -13.79 -5.45
C SER A 226 9.92 -15.19 -6.06
N ASN A 227 10.99 -15.94 -5.77
CA ASN A 227 11.17 -17.27 -6.32
C ASN A 227 12.23 -18.07 -5.56
N ILE A 228 12.40 -19.33 -5.97
CA ILE A 228 13.34 -20.26 -5.33
C ILE A 228 14.77 -19.74 -5.18
N PHE A 229 15.26 -19.02 -6.19
CA PHE A 229 16.63 -18.51 -6.19
C PHE A 229 16.87 -17.51 -5.05
N GLU A 230 15.98 -16.53 -4.91
CA GLU A 230 16.11 -15.52 -3.85
C GLU A 230 15.90 -16.17 -2.48
N MET A 231 14.96 -17.11 -2.43
CA MET A 231 14.63 -17.85 -1.23
C MET A 231 15.80 -18.69 -0.72
N LEU A 232 16.50 -19.36 -1.63
CA LEU A 232 17.67 -20.18 -1.24
C LEU A 232 18.89 -19.30 -0.94
N ARG A 233 19.05 -18.19 -1.68
CA ARG A 233 20.08 -17.22 -1.34
C ARG A 233 19.94 -16.74 0.10
N ILE A 234 18.70 -16.44 0.49
CA ILE A 234 18.42 -16.07 1.86
C ILE A 234 18.79 -17.20 2.82
N ASP A 235 18.39 -18.41 2.48
CA ASP A 235 18.61 -19.56 3.36
C ASP A 235 20.09 -20.01 3.40
N GLU A 236 20.80 -19.90 2.28
CA GLU A 236 22.16 -20.44 2.17
C GLU A 236 23.29 -19.40 2.30
N GLY A 237 23.00 -18.13 2.02
CA GLY A 237 24.04 -17.10 2.02
C GLY A 237 25.07 -17.32 0.93
N LEU A 238 26.23 -16.67 1.08
CA LEU A 238 27.28 -16.74 0.08
C LEU A 238 28.68 -16.69 0.72
N ARG A 239 29.50 -17.69 0.42
CA ARG A 239 30.91 -17.70 0.82
C ARG A 239 31.75 -18.02 -0.42
N LEU A 240 32.87 -17.30 -0.60
CA LEU A 240 33.76 -17.50 -1.73
C LEU A 240 34.91 -18.46 -1.45
N LYS A 241 35.13 -18.77 -0.17
CA LYS A 241 36.19 -19.69 0.24
C LYS A 241 35.55 -20.91 0.89
N ILE A 242 36.22 -22.05 0.77
CA ILE A 242 35.70 -23.28 1.35
C ILE A 242 35.47 -23.04 2.84
N TYR A 243 34.32 -23.48 3.33
CA TYR A 243 34.05 -23.49 4.76
C TYR A 243 33.36 -24.80 5.14
N LYS A 244 33.32 -25.09 6.43
CA LYS A 244 32.59 -26.25 6.95
C LYS A 244 31.17 -25.82 7.28
N ASP A 245 30.18 -26.49 6.71
CA ASP A 245 28.78 -26.20 7.06
C ASP A 245 28.52 -26.59 8.53
N THR A 246 27.28 -26.43 8.98
CA THR A 246 26.89 -26.70 10.36
C THR A 246 27.17 -28.13 10.82
N GLU A 247 27.01 -29.12 9.94
CA GLU A 247 27.39 -30.51 10.26
C GLU A 247 28.89 -30.71 10.23
N GLY A 248 29.61 -29.80 9.58
CA GLY A 248 31.07 -29.85 9.55
C GLY A 248 31.63 -30.29 8.22
N TYR A 249 30.79 -30.31 7.18
CA TYR A 249 31.22 -30.73 5.85
C TYR A 249 31.70 -29.55 5.00
N TYR A 250 32.67 -29.85 4.15
CA TYR A 250 33.26 -28.83 3.29
C TYR A 250 32.26 -28.37 2.24
N THR A 251 32.06 -27.06 2.20
CA THR A 251 30.97 -26.45 1.47
C THR A 251 31.53 -25.15 0.84
N ILE A 252 30.90 -24.68 -0.23
CA ILE A 252 31.33 -23.46 -0.93
C ILE A 252 30.13 -22.76 -1.59
N GLY A 253 30.24 -21.46 -1.78
CA GLY A 253 29.30 -20.71 -2.60
C GLY A 253 27.95 -20.58 -1.93
N ILE A 254 26.90 -21.01 -2.62
CA ILE A 254 25.56 -20.87 -2.10
C ILE A 254 25.11 -22.26 -1.66
N GLY A 255 25.58 -22.63 -0.47
CA GLY A 255 25.27 -23.93 0.11
C GLY A 255 25.64 -25.12 -0.76
N HIS A 256 26.73 -25.04 -1.50
CA HIS A 256 27.17 -26.18 -2.30
C HIS A 256 28.05 -27.09 -1.48
N LEU A 257 27.52 -28.25 -1.12
CA LEU A 257 28.27 -29.31 -0.47
C LEU A 257 29.32 -29.86 -1.44
N LEU A 258 30.58 -29.82 -1.05
CA LEU A 258 31.63 -30.36 -1.90
C LEU A 258 31.81 -31.85 -1.67
N THR A 259 31.95 -32.22 -0.39
CA THR A 259 32.12 -33.61 -0.02
C THR A 259 31.80 -33.79 1.44
N LYS A 260 31.39 -35.00 1.80
CA LYS A 260 31.30 -35.37 3.19
C LYS A 260 32.65 -35.81 3.75
N SER A 261 33.67 -35.96 2.90
CA SER A 261 34.94 -36.55 3.33
C SER A 261 35.76 -35.62 4.23
N PRO A 262 36.44 -36.19 5.24
CA PRO A 262 37.32 -35.48 6.15
C PRO A 262 38.67 -35.16 5.51
N SER A 263 38.65 -34.32 4.48
CA SER A 263 39.82 -34.06 3.68
C SER A 263 39.66 -32.76 2.89
N LEU A 264 40.44 -31.74 3.22
CA LEU A 264 40.36 -30.47 2.50
C LEU A 264 40.74 -30.67 1.02
N ASN A 265 41.71 -31.55 0.80
CA ASN A 265 42.20 -31.87 -0.54
C ASN A 265 41.15 -32.50 -1.43
N ALA A 266 40.37 -33.42 -0.85
CA ALA A 266 39.26 -33.99 -1.58
C ALA A 266 38.23 -32.90 -1.89
N ALA A 267 38.03 -31.97 -0.94
CA ALA A 267 37.12 -30.86 -1.17
C ALA A 267 37.60 -29.92 -2.28
N LYS A 268 38.89 -29.58 -2.25
CA LYS A 268 39.50 -28.76 -3.31
C LYS A 268 39.40 -29.45 -4.65
N SER A 269 39.53 -30.77 -4.63
CA SER A 269 39.52 -31.53 -5.86
C SER A 269 38.14 -31.59 -6.50
N GLU A 270 37.10 -31.67 -5.68
CA GLU A 270 35.73 -31.68 -6.19
C GLU A 270 35.33 -30.28 -6.67
N LEU A 271 35.79 -29.26 -5.95
CA LEU A 271 35.58 -27.86 -6.34
C LEU A 271 36.17 -27.59 -7.72
N ASP A 272 37.44 -27.96 -7.89
CA ASP A 272 38.15 -27.73 -9.15
C ASP A 272 37.46 -28.45 -10.30
N LYS A 273 36.95 -29.64 -10.01
CA LYS A 273 36.27 -30.47 -11.00
C LYS A 273 34.97 -29.82 -11.46
N ALA A 274 34.22 -29.26 -10.52
CA ALA A 274 32.88 -28.73 -10.80
C ALA A 274 32.90 -27.38 -11.53
N ILE A 275 34.04 -26.71 -11.51
CA ILE A 275 34.17 -25.37 -12.09
C ILE A 275 34.93 -25.40 -13.42
N GLY A 276 36.08 -26.08 -13.44
CA GLY A 276 36.90 -26.22 -14.64
C GLY A 276 38.16 -25.40 -14.55
N ARG A 277 38.83 -25.47 -13.41
CA ARG A 277 39.85 -24.51 -13.04
C ARG A 277 40.51 -24.93 -11.73
N ASN A 278 41.78 -24.56 -11.57
CA ASN A 278 42.47 -24.72 -10.29
C ASN A 278 42.13 -23.57 -9.37
N THR A 279 41.08 -23.75 -8.59
CA THR A 279 40.53 -22.68 -7.77
C THR A 279 41.36 -22.44 -6.53
N ASN A 280 42.01 -23.49 -6.03
CA ASN A 280 42.71 -23.44 -4.76
C ASN A 280 41.77 -23.04 -3.61
N GLY A 281 40.53 -23.54 -3.66
CA GLY A 281 39.57 -23.35 -2.57
C GLY A 281 38.94 -21.98 -2.46
N VAL A 282 39.09 -21.16 -3.50
CA VAL A 282 38.52 -19.81 -3.54
C VAL A 282 37.89 -19.55 -4.92
N ILE A 283 36.66 -19.05 -4.92
CA ILE A 283 35.92 -18.81 -6.17
C ILE A 283 35.33 -17.41 -6.26
N THR A 284 34.96 -17.00 -7.46
CA THR A 284 34.32 -15.71 -7.69
C THR A 284 32.82 -15.80 -7.47
N LYS A 285 32.15 -14.65 -7.41
CA LYS A 285 30.70 -14.62 -7.23
C LYS A 285 29.97 -15.14 -8.47
N ASP A 286 30.55 -14.91 -9.65
CA ASP A 286 29.96 -15.45 -10.89
C ASP A 286 29.97 -16.99 -10.87
N GLU A 287 31.07 -17.57 -10.42
CA GLU A 287 31.20 -19.01 -10.37
C GLU A 287 30.25 -19.64 -9.36
N ALA A 288 30.19 -19.06 -8.17
CA ALA A 288 29.23 -19.47 -7.14
C ALA A 288 27.79 -19.46 -7.67
N GLU A 289 27.47 -18.45 -8.46
CA GLU A 289 26.13 -18.29 -9.02
C GLU A 289 25.83 -19.38 -10.04
N LYS A 290 26.83 -19.74 -10.84
CA LYS A 290 26.71 -20.84 -11.81
C LYS A 290 26.41 -22.18 -11.13
N LEU A 291 27.18 -22.50 -10.09
CA LEU A 291 26.96 -23.72 -9.28
C LEU A 291 25.57 -23.79 -8.69
N PHE A 292 25.18 -22.71 -8.04
CA PHE A 292 23.83 -22.55 -7.48
C PHE A 292 22.74 -22.90 -8.49
N ASN A 293 22.89 -22.39 -9.70
CA ASN A 293 21.98 -22.74 -10.80
C ASN A 293 21.93 -24.23 -11.08
N GLN A 294 23.11 -24.85 -11.13
CA GLN A 294 23.21 -26.28 -11.39
C GLN A 294 22.60 -27.09 -10.25
N ASP A 295 22.77 -26.62 -9.02
CA ASP A 295 22.23 -27.31 -7.85
C ASP A 295 20.69 -27.27 -7.81
N VAL A 296 20.12 -26.13 -8.21
CA VAL A 296 18.67 -25.97 -8.25
C VAL A 296 18.04 -26.80 -9.37
N ASP A 297 18.65 -26.81 -10.54
CA ASP A 297 18.26 -27.73 -11.62
C ASP A 297 18.34 -29.19 -11.18
N ALA A 298 19.39 -29.55 -10.47
CA ALA A 298 19.56 -30.92 -9.96
C ALA A 298 18.44 -31.26 -8.99
N ALA A 299 18.18 -30.35 -8.07
CA ALA A 299 17.12 -30.53 -7.10
C ALA A 299 15.76 -30.65 -7.79
N VAL A 300 15.56 -29.89 -8.87
CA VAL A 300 14.32 -29.98 -9.66
C VAL A 300 14.22 -31.29 -10.42
N ARG A 301 15.31 -31.71 -11.06
CA ARG A 301 15.37 -33.01 -11.73
C ARG A 301 15.21 -34.17 -10.75
N GLY A 302 15.77 -34.05 -9.56
CA GLY A 302 15.57 -35.03 -8.49
C GLY A 302 14.10 -35.25 -8.13
N ILE A 303 13.35 -34.14 -8.06
CA ILE A 303 11.90 -34.18 -7.82
C ILE A 303 11.15 -34.89 -8.96
N LEU A 304 11.47 -34.53 -10.20
CA LEU A 304 10.70 -34.99 -11.36
C LEU A 304 10.90 -36.48 -11.68
N ARG A 305 12.03 -37.06 -11.23
CA ARG A 305 12.33 -38.48 -11.44
C ARG A 305 12.05 -39.35 -10.21
N ASN A 306 11.38 -38.79 -9.21
CA ASN A 306 11.02 -39.51 -8.01
C ASN A 306 9.51 -39.67 -7.99
N ALA A 307 9.03 -40.91 -7.92
CA ALA A 307 7.60 -41.22 -7.99
C ALA A 307 6.79 -40.66 -6.82
N LYS A 308 7.44 -40.48 -5.67
CA LYS A 308 6.81 -39.88 -4.49
C LYS A 308 6.81 -38.33 -4.55
N LEU A 309 7.83 -37.75 -5.17
CA LEU A 309 7.91 -36.28 -5.21
C LEU A 309 7.19 -35.66 -6.39
N LYS A 310 7.26 -36.30 -7.56
CA LYS A 310 6.70 -35.73 -8.79
C LYS A 310 5.23 -35.27 -8.63
N PRO A 311 4.32 -36.19 -8.24
CA PRO A 311 2.89 -35.82 -8.18
C PRO A 311 2.57 -34.73 -7.17
N VAL A 312 3.39 -34.61 -6.13
CA VAL A 312 3.19 -33.58 -5.12
C VAL A 312 3.57 -32.25 -5.72
N TYR A 313 4.77 -32.20 -6.28
CA TYR A 313 5.28 -31.03 -7.00
C TYR A 313 4.29 -30.55 -8.07
N ASP A 314 3.82 -31.47 -8.91
CA ASP A 314 2.89 -31.12 -9.99
C ASP A 314 1.57 -30.52 -9.50
N SER A 315 1.11 -30.94 -8.32
CA SER A 315 -0.14 -30.44 -7.74
C SER A 315 0.03 -29.09 -7.05
N LEU A 316 1.26 -28.65 -6.85
CA LEU A 316 1.52 -27.46 -6.05
C LEU A 316 1.56 -26.19 -6.89
N ASP A 317 1.08 -25.10 -6.30
CA ASP A 317 1.31 -23.74 -6.78
C ASP A 317 2.79 -23.38 -6.74
N ALA A 318 3.14 -22.26 -7.38
CA ALA A 318 4.52 -21.82 -7.56
C ALA A 318 5.31 -21.66 -6.27
N VAL A 319 4.69 -21.01 -5.28
CA VAL A 319 5.37 -20.68 -4.03
C VAL A 319 5.68 -21.93 -3.22
N ARG A 320 4.77 -22.91 -3.22
CA ARG A 320 4.99 -24.15 -2.48
C ARG A 320 5.93 -25.12 -3.20
N ARG A 321 5.96 -25.06 -4.53
CA ARG A 321 7.00 -25.75 -5.30
C ARG A 321 8.37 -25.32 -4.86
N ALA A 322 8.54 -24.01 -4.68
CA ALA A 322 9.82 -23.47 -4.23
C ALA A 322 10.17 -24.06 -2.87
N ALA A 323 9.19 -24.12 -1.96
CA ALA A 323 9.46 -24.69 -0.65
C ALA A 323 9.89 -26.15 -0.75
N LEU A 324 9.27 -26.90 -1.66
CA LEU A 324 9.62 -28.29 -1.85
C LEU A 324 11.00 -28.43 -2.48
N ILE A 325 11.32 -27.54 -3.42
CA ILE A 325 12.64 -27.49 -4.02
C ILE A 325 13.67 -27.17 -2.94
N ASN A 326 13.34 -26.24 -2.07
CA ASN A 326 14.16 -25.86 -0.94
C ASN A 326 14.54 -27.09 -0.10
N MET A 327 13.54 -27.88 0.27
CA MET A 327 13.80 -29.08 1.06
C MET A 327 14.72 -30.05 0.36
N VAL A 328 14.52 -30.23 -0.95
CA VAL A 328 15.30 -31.19 -1.73
C VAL A 328 16.74 -30.68 -1.92
N PHE A 329 16.90 -29.39 -2.17
CA PHE A 329 18.21 -28.73 -2.20
C PHE A 329 18.98 -28.99 -0.91
N GLN A 330 18.30 -28.92 0.23
CA GLN A 330 18.96 -29.09 1.53
C GLN A 330 19.22 -30.54 1.93
N MET A 331 18.28 -31.44 1.61
CA MET A 331 18.27 -32.83 2.11
C MET A 331 18.33 -33.88 1.03
N GLY A 332 18.17 -33.50 -0.24
CA GLY A 332 18.15 -34.43 -1.36
C GLY A 332 16.84 -35.17 -1.55
N GLU A 333 16.63 -35.72 -2.75
CA GLU A 333 15.33 -36.29 -3.11
C GLU A 333 14.85 -37.41 -2.17
N THR A 334 15.74 -38.29 -1.79
CA THR A 334 15.40 -39.46 -0.98
C THR A 334 15.04 -39.11 0.45
N GLY A 335 15.80 -38.18 1.03
CA GLY A 335 15.48 -37.62 2.32
C GLY A 335 14.07 -37.05 2.33
N VAL A 336 13.76 -36.21 1.36
CA VAL A 336 12.42 -35.57 1.31
C VAL A 336 11.30 -36.59 1.07
N ALA A 337 11.57 -37.58 0.21
CA ALA A 337 10.60 -38.62 -0.12
C ALA A 337 10.23 -39.49 1.08
N GLY A 338 11.03 -39.48 2.14
CA GLY A 338 10.71 -40.24 3.34
C GLY A 338 9.56 -39.66 4.17
N PHE A 339 9.27 -38.38 3.94
CA PHE A 339 8.15 -37.70 4.59
C PHE A 339 6.83 -38.05 3.90
N THR A 340 6.43 -39.30 4.00
CA THR A 340 5.34 -39.79 3.16
C THR A 340 4.00 -39.14 3.52
N ASN A 341 3.80 -38.86 4.80
CA ASN A 341 2.53 -38.33 5.29
C ASN A 341 2.36 -36.86 4.87
N SER A 342 3.38 -36.06 5.12
CA SER A 342 3.40 -34.68 4.70
C SER A 342 3.20 -34.54 3.21
N LEU A 343 3.95 -35.32 2.43
CA LEU A 343 3.81 -35.30 0.97
C LEU A 343 2.36 -35.53 0.55
N ARG A 344 1.73 -36.52 1.16
CA ARG A 344 0.34 -36.88 0.89
C ARG A 344 -0.59 -35.69 1.21
N MET A 345 -0.45 -35.15 2.42
CA MET A 345 -1.06 -33.89 2.84
C MET A 345 -0.90 -32.74 1.85
N LEU A 346 0.31 -32.53 1.37
CA LEU A 346 0.57 -31.46 0.42
C LEU A 346 -0.21 -31.68 -0.88
N GLN A 347 -0.27 -32.91 -1.34
CA GLN A 347 -1.01 -33.22 -2.56
C GLN A 347 -2.52 -33.04 -2.36
N GLN A 348 -2.97 -33.25 -1.12
CA GLN A 348 -4.36 -33.09 -0.78
C GLN A 348 -4.70 -31.65 -0.37
N LYS A 349 -3.70 -30.77 -0.43
CA LYS A 349 -3.85 -29.36 -0.06
C LYS A 349 -4.28 -29.20 1.40
N ARG A 350 -3.77 -30.10 2.23
CA ARG A 350 -4.00 -30.11 3.65
C ARG A 350 -2.75 -29.53 4.31
N TRP A 351 -2.69 -28.20 4.29
CA TRP A 351 -1.46 -27.50 4.54
C TRP A 351 -1.02 -27.62 5.99
N ASP A 352 -1.95 -27.31 6.88
CA ASP A 352 -1.69 -27.34 8.32
C ASP A 352 -1.36 -28.74 8.85
N GLU A 353 -2.01 -29.75 8.30
CA GLU A 353 -1.72 -31.14 8.65
C GLU A 353 -0.28 -31.47 8.22
N ALA A 354 0.11 -31.03 7.03
CA ALA A 354 1.45 -31.25 6.52
C ALA A 354 2.46 -30.61 7.44
N ALA A 355 2.20 -29.37 7.84
CA ALA A 355 3.08 -28.62 8.72
C ALA A 355 3.24 -29.31 10.08
N VAL A 356 2.15 -29.79 10.65
CA VAL A 356 2.22 -30.50 11.92
C VAL A 356 3.18 -31.73 11.82
N ASN A 357 3.16 -32.43 10.69
CA ASN A 357 4.05 -33.58 10.49
C ASN A 357 5.51 -33.18 10.41
N LEU A 358 5.81 -32.24 9.53
CA LEU A 358 7.18 -31.76 9.31
C LEU A 358 7.83 -31.14 10.54
N ALA A 359 7.02 -30.52 11.40
CA ALA A 359 7.51 -29.96 12.65
C ALA A 359 8.12 -31.03 13.58
N LYS A 360 7.72 -32.28 13.40
CA LYS A 360 8.24 -33.40 14.21
C LYS A 360 9.52 -34.00 13.66
N SER A 361 9.96 -33.50 12.51
CA SER A 361 11.13 -34.05 11.84
C SER A 361 12.43 -33.71 12.56
N ARG A 362 13.46 -34.50 12.29
CA ARG A 362 14.80 -34.21 12.77
C ARG A 362 15.25 -32.93 12.08
N TRP A 363 14.83 -32.74 10.83
CA TRP A 363 15.13 -31.53 10.06
C TRP A 363 14.71 -30.27 10.80
N TYR A 364 13.50 -30.27 11.31
CA TYR A 364 13.00 -29.17 12.10
C TYR A 364 13.86 -29.01 13.36
N ASN A 365 14.24 -30.14 13.94
CA ASN A 365 15.07 -30.12 15.14
C ASN A 365 16.49 -29.61 14.89
N GLN A 366 17.07 -29.97 13.75
CA GLN A 366 18.45 -29.58 13.41
C GLN A 366 18.54 -28.13 12.95
N THR A 367 17.64 -27.71 12.05
CA THR A 367 17.66 -26.33 11.50
C THR A 367 16.27 -25.72 11.63
N PRO A 368 15.89 -25.30 12.83
CA PRO A 368 14.52 -24.86 13.07
C PRO A 368 14.13 -23.51 12.45
N ASN A 369 15.07 -22.59 12.28
CA ASN A 369 14.71 -21.28 11.69
C ASN A 369 14.38 -21.46 10.23
N ARG A 370 15.24 -22.18 9.54
CA ARG A 370 15.00 -22.43 8.13
C ARG A 370 13.79 -23.33 7.91
N ALA A 371 13.64 -24.36 8.75
CA ALA A 371 12.50 -25.28 8.66
C ALA A 371 11.17 -24.56 8.92
N LYS A 372 11.15 -23.66 9.90
CA LYS A 372 9.95 -22.86 10.15
C LYS A 372 9.62 -22.03 8.92
N ARG A 373 10.63 -21.45 8.30
CA ARG A 373 10.42 -20.62 7.12
C ARG A 373 9.85 -21.44 5.95
N VAL A 374 10.39 -22.63 5.71
CA VAL A 374 9.89 -23.48 4.64
C VAL A 374 8.46 -23.98 4.92
N ILE A 375 8.24 -24.43 6.15
CA ILE A 375 6.95 -24.95 6.58
C ILE A 375 5.87 -23.87 6.59
N THR A 376 6.20 -22.67 7.08
CA THR A 376 5.27 -21.55 7.03
C THR A 376 4.93 -21.27 5.56
N THR A 377 5.92 -21.28 4.68
CA THR A 377 5.66 -21.17 3.25
C THR A 377 4.70 -22.25 2.74
N PHE A 378 4.81 -23.48 3.24
CA PHE A 378 3.81 -24.53 2.92
C PHE A 378 2.40 -24.26 3.48
N ARG A 379 2.32 -23.68 4.67
CA ARG A 379 1.04 -23.39 5.29
C ARG A 379 0.31 -22.26 4.57
N THR A 380 1.02 -21.16 4.35
CA THR A 380 0.41 -19.95 3.82
C THR A 380 0.38 -19.87 2.29
N GLY A 381 1.37 -20.44 1.63
CA GLY A 381 1.55 -20.23 0.19
C GLY A 381 2.02 -18.83 -0.21
N THR A 382 2.55 -18.07 0.75
CA THR A 382 3.11 -16.75 0.50
C THR A 382 4.60 -16.72 0.82
N TRP A 383 5.23 -15.58 0.54
CA TRP A 383 6.64 -15.35 0.82
C TRP A 383 6.90 -14.63 2.15
N ASP A 384 5.90 -14.61 3.03
CA ASP A 384 5.96 -13.84 4.29
C ASP A 384 7.02 -14.28 5.28
N ALA A 385 7.40 -15.55 5.24
CA ALA A 385 8.46 -16.04 6.10
C ALA A 385 9.82 -15.52 5.64
N TYR A 386 9.87 -15.05 4.39
CA TYR A 386 11.10 -14.51 3.78
C TYR A 386 11.06 -12.99 3.66
N GLY A 387 11.26 -12.32 4.79
CA GLY A 387 11.13 -10.88 4.86
C GLY A 387 12.27 -10.08 4.22
N SER A 388 12.48 -10.33 2.92
CA SER A 388 13.49 -9.59 2.16
C SER A 388 13.07 -8.14 1.99
N LEU A 389 14.03 -7.28 1.61
CA LEU A 389 13.80 -5.86 1.45
C LEU A 389 12.70 -5.62 0.43
N THR A 390 12.80 -6.28 -0.72
CA THR A 390 11.79 -6.08 -1.76
C THR A 390 10.39 -6.62 -1.35
N HIS A 391 10.34 -7.68 -0.55
CA HIS A 391 9.06 -8.21 -0.06
C HIS A 391 8.37 -7.25 0.90
N ARG A 392 9.15 -6.64 1.80
CA ARG A 392 8.63 -5.70 2.78
C ARG A 392 8.18 -4.41 2.10
N ARG A 393 8.91 -3.99 1.07
CA ARG A 393 8.51 -2.84 0.27
CA ARG A 393 8.51 -2.84 0.26
C ARG A 393 7.16 -3.10 -0.42
N LYS A 394 6.97 -4.34 -0.91
CA LYS A 394 5.68 -4.74 -1.49
C LYS A 394 4.57 -4.83 -0.45
N LEU A 395 4.91 -5.27 0.76
CA LEU A 395 3.95 -5.29 1.86
C LEU A 395 3.57 -3.87 2.23
N ARG A 396 4.56 -3.01 2.36
CA ARG A 396 4.36 -1.61 2.68
C ARG A 396 3.38 -1.02 1.68
N ALA A 397 3.63 -1.27 0.39
CA ALA A 397 2.79 -0.76 -0.68
C ALA A 397 1.33 -1.24 -0.56
N ALA A 398 1.15 -2.51 -0.23
CA ALA A 398 -0.18 -3.08 -0.09
C ALA A 398 -0.94 -2.41 1.05
N TRP A 399 -0.26 -2.21 2.18
CA TRP A 399 -0.87 -1.54 3.31
C TRP A 399 -1.28 -0.10 2.98
N VAL A 400 -0.42 0.63 2.28
CA VAL A 400 -0.71 2.00 1.92
C VAL A 400 -1.92 2.09 0.97
N ALA A 401 -1.95 1.26 -0.06
CA ALA A 401 -3.10 1.24 -0.99
C ALA A 401 -4.37 0.74 -0.32
N GLY A 402 -4.24 -0.24 0.57
CA GLY A 402 -5.37 -0.73 1.33
C GLY A 402 -5.94 0.31 2.27
N GLY A 403 -5.06 1.00 3.00
CA GLY A 403 -5.42 2.13 3.85
C GLY A 403 -6.07 3.25 3.05
N ALA A 404 -5.46 3.58 1.91
CA ALA A 404 -6.03 4.58 1.04
C ALA A 404 -7.45 4.19 0.59
N LEU A 405 -7.63 2.93 0.24
CA LEU A 405 -8.92 2.45 -0.23
C LEU A 405 -9.97 2.66 0.86
N LEU A 406 -9.61 2.23 2.07
CA LEU A 406 -10.47 2.40 3.23
C LEU A 406 -10.84 3.86 3.53
N THR A 407 -9.85 4.75 3.55
CA THR A 407 -10.14 6.15 3.84
C THR A 407 -10.95 6.81 2.72
N LEU A 408 -10.71 6.42 1.48
CA LEU A 408 -11.53 6.90 0.39
C LEU A 408 -12.99 6.47 0.55
N LEU A 409 -13.20 5.21 0.91
CA LEU A 409 -14.56 4.70 1.04
C LEU A 409 -15.26 5.23 2.28
N LEU A 410 -14.53 5.42 3.37
CA LEU A 410 -15.16 5.81 4.63
C LEU A 410 -15.37 7.32 4.76
N CYS A 411 -14.39 8.11 4.34
CA CYS A 411 -14.37 9.52 4.72
C CYS A 411 -14.93 10.45 3.66
N VAL A 412 -14.16 10.72 2.61
CA VAL A 412 -14.65 11.55 1.51
C VAL A 412 -15.60 10.78 0.60
N GLY A 413 -15.67 9.46 0.77
CA GLY A 413 -16.55 8.64 -0.05
C GLY A 413 -18.00 9.06 0.03
N PRO A 414 -18.59 9.04 1.24
CA PRO A 414 -19.98 9.40 1.44
C PRO A 414 -20.33 10.79 0.93
N TYR A 415 -19.40 11.73 1.06
CA TYR A 415 -19.60 13.06 0.54
C TYR A 415 -19.75 13.02 -0.99
N ASN A 416 -18.81 12.36 -1.65
CA ASN A 416 -18.83 12.31 -3.10
C ASN A 416 -19.98 11.47 -3.66
N ALA A 417 -20.37 10.42 -2.93
CA ALA A 417 -21.55 9.65 -3.29
C ALA A 417 -22.81 10.49 -3.10
N SER A 418 -22.84 11.29 -2.05
CA SER A 418 -23.93 12.25 -1.85
C SER A 418 -24.04 13.23 -3.03
N ASN A 419 -22.90 13.71 -3.52
CA ASN A 419 -22.86 14.58 -4.67
C ASN A 419 -23.44 13.93 -5.90
N VAL A 420 -23.12 12.66 -6.09
CA VAL A 420 -23.63 11.89 -7.21
C VAL A 420 -25.14 11.61 -7.09
N ALA A 421 -25.54 11.14 -5.92
CA ALA A 421 -26.94 10.85 -5.60
C ALA A 421 -27.86 12.06 -5.77
N SER A 422 -27.49 13.21 -5.21
CA SER A 422 -28.42 14.33 -5.24
C SER A 422 -28.45 14.99 -6.61
N PHE A 423 -27.39 14.83 -7.39
CA PHE A 423 -27.41 15.16 -8.82
C PHE A 423 -28.37 14.28 -9.61
N LEU A 424 -28.30 12.97 -9.43
CA LEU A 424 -29.19 12.05 -10.14
C LEU A 424 -30.60 12.04 -9.57
N TYR A 425 -30.70 12.30 -8.27
CA TYR A 425 -31.98 12.27 -7.56
C TYR A 425 -32.07 13.53 -6.72
N PRO A 426 -32.42 14.66 -7.36
CA PRO A 426 -32.46 15.93 -6.62
C PRO A 426 -33.65 15.99 -5.67
N ASN A 427 -34.57 15.06 -5.79
CA ASN A 427 -35.62 14.83 -4.78
C ASN A 427 -35.09 14.52 -3.37
N LEU A 428 -33.87 14.01 -3.27
CA LEU A 428 -33.21 13.77 -1.98
C LEU A 428 -33.05 15.05 -1.12
N GLY A 429 -33.30 14.88 0.18
CA GLY A 429 -33.10 15.94 1.15
C GLY A 429 -31.63 16.15 1.48
N GLY A 430 -31.36 17.17 2.29
CA GLY A 430 -30.00 17.62 2.58
C GLY A 430 -29.29 16.80 3.66
N SER A 431 -29.97 15.77 4.14
CA SER A 431 -29.52 15.01 5.28
C SER A 431 -28.23 14.24 4.97
N TRP A 432 -28.18 13.66 3.78
CA TRP A 432 -27.11 12.78 3.38
C TRP A 432 -25.88 13.59 3.09
N ARG A 433 -26.08 14.77 2.51
CA ARG A 433 -24.97 15.69 2.28
C ARG A 433 -24.35 16.14 3.61
N LYS A 434 -25.18 16.50 4.58
CA LYS A 434 -24.67 16.93 5.87
C LYS A 434 -23.77 15.86 6.49
N LEU A 435 -24.19 14.61 6.46
CA LEU A 435 -23.41 13.52 7.05
C LEU A 435 -22.14 13.27 6.24
N GLY A 436 -22.24 13.32 4.92
CA GLY A 436 -21.09 13.19 4.05
C GLY A 436 -20.04 14.27 4.28
N LEU A 437 -20.47 15.48 4.61
CA LEU A 437 -19.53 16.53 4.93
C LEU A 437 -18.77 16.23 6.23
N ILE A 438 -19.46 15.68 7.22
CA ILE A 438 -18.79 15.30 8.45
C ILE A 438 -17.79 14.16 8.22
N THR A 439 -18.18 13.10 7.51
CA THR A 439 -17.23 11.99 7.24
C THR A 439 -16.05 12.51 6.42
N GLY A 440 -16.32 13.47 5.52
CA GLY A 440 -15.28 14.05 4.69
C GLY A 440 -14.27 14.81 5.53
N ALA A 441 -14.75 15.47 6.56
CA ALA A 441 -13.88 16.23 7.44
C ALA A 441 -12.94 15.29 8.21
N TRP A 442 -13.40 14.08 8.52
CA TRP A 442 -12.57 13.12 9.28
C TRP A 442 -11.45 12.48 8.46
N SER A 443 -11.40 12.80 7.17
CA SER A 443 -10.27 12.44 6.35
C SER A 443 -8.97 13.08 6.87
N VAL A 444 -9.06 14.25 7.51
CA VAL A 444 -7.86 14.86 8.08
C VAL A 444 -7.25 14.02 9.20
N VAL A 445 -8.05 13.13 9.77
CA VAL A 445 -7.59 12.24 10.83
C VAL A 445 -7.10 10.91 10.23
N LEU A 446 -7.91 10.32 9.36
CA LEU A 446 -7.62 9.00 8.85
C LEU A 446 -6.54 9.02 7.77
N ASN A 447 -6.42 10.12 6.98
CA ASN A 447 -5.39 10.19 5.94
C ASN A 447 -3.95 10.11 6.47
N PRO A 448 -3.57 10.98 7.41
CA PRO A 448 -2.20 10.91 7.92
C PRO A 448 -1.86 9.55 8.55
N LEU A 449 -2.87 8.87 9.10
CA LEU A 449 -2.72 7.54 9.67
C LEU A 449 -2.48 6.44 8.64
N VAL A 450 -2.87 6.63 7.40
CA VAL A 450 -2.70 5.57 6.42
C VAL A 450 -1.54 5.78 5.46
N THR A 451 -1.09 7.02 5.29
CA THR A 451 -0.03 7.27 4.32
C THR A 451 1.35 6.82 4.77
N GLY A 452 1.52 6.56 6.06
CA GLY A 452 2.75 5.97 6.61
C GLY A 452 3.92 6.89 6.94
N TYR A 453 3.66 8.18 7.17
CA TYR A 453 4.76 9.12 7.42
C TYR A 453 4.80 9.66 8.85
N LEU A 454 4.15 8.98 9.78
CA LEU A 454 4.21 9.38 11.20
C LEU A 454 5.46 8.86 11.91
N GLY A 455 6.37 9.76 12.25
CA GLY A 455 7.59 9.43 13.02
C GLY A 455 8.63 8.70 12.22
#